data_4YV7
#
_entry.id   4YV7
#
_cell.length_a   99.246
_cell.length_b   110.626
_cell.length_c   35.929
_cell.angle_alpha   90.000
_cell.angle_beta   90.000
_cell.angle_gamma   90.000
#
_symmetry.space_group_name_H-M   'P 21 21 2'
#
loop_
_entity.id
_entity.type
_entity.pdbx_description
1 polymer 'Periplasmic binding protein/LacI transcriptional regulator'
2 non-polymer GLYCEROL
3 water water
#
_entity_poly.entity_id   1
_entity_poly.type   'polypeptide(L)'
_entity_poly.pdbx_seq_one_letter_code
;(MSE)SFAKALSGIALGAA(MSE)ALSFTGCSVPGDDAAQNAPVVDGALKIGFSQATQQSPFYVALTDAAKAEAQAQGDE
LFYADANGDITKQNNDVQDLITRGINVLVINPVDPKGVTPSLAAAEAAGIKVVTVDRPVESGAASFVGRDNKA(MSE)GE
LVGKAAVDTLGPDGGKIIEIQGDAGGAVARDRRDGFQAAVSGRPNITIVEGPYCDYIRSKAVTA(MSE)QDLLQAHPDLK
GVYAQNDD(MSE)ALGA(MSE)QVLAENNRTDVKVFGVDGL(MSE)EAVRAIADGDQYVATALNDPDAEGRLAIQTAAKV
ARGESVPEFVDAGTGLVDKSNASALVGQSTFAAE
;
_entity_poly.pdbx_strand_id   A
#
# COMPACT_ATOMS: atom_id res chain seq x y z
N GLY A 39 15.32 21.20 16.55
CA GLY A 39 16.01 22.34 15.96
C GLY A 39 15.32 22.85 14.71
N ALA A 40 14.04 22.51 14.58
CA ALA A 40 13.15 22.97 13.48
C ALA A 40 13.69 22.67 12.09
N LEU A 41 13.29 21.52 11.59
CA LEU A 41 13.63 21.09 10.27
C LEU A 41 12.56 21.46 9.26
N LYS A 42 12.98 21.63 8.02
CA LYS A 42 12.07 21.70 6.91
C LYS A 42 12.09 20.36 6.20
N ILE A 43 10.94 19.68 6.26
CA ILE A 43 10.80 18.33 5.79
C ILE A 43 9.90 18.38 4.59
N GLY A 44 10.40 17.91 3.45
CA GLY A 44 9.60 17.87 2.25
C GLY A 44 8.88 16.54 2.14
N PHE A 45 7.65 16.56 1.65
CA PHE A 45 6.93 15.32 1.42
C PHE A 45 6.16 15.33 0.10
N SER A 46 6.70 14.60 -0.87
CA SER A 46 6.07 14.37 -2.17
C SER A 46 5.33 13.04 -2.11
N GLN A 47 4.02 13.18 -2.00
CA GLN A 47 3.09 12.06 -2.01
C GLN A 47 2.74 11.66 -3.45
N ALA A 48 2.45 10.38 -3.64
CA ALA A 48 2.25 9.85 -4.98
C ALA A 48 0.83 10.17 -5.46
N THR A 49 -0.14 9.95 -4.60
CA THR A 49 -1.51 10.26 -4.94
C THR A 49 -2.30 10.43 -3.67
N GLN A 50 -3.52 10.92 -3.83
CA GLN A 50 -4.51 10.93 -2.78
C GLN A 50 -5.79 10.23 -3.23
N GLN A 51 -5.68 9.34 -4.21
CA GLN A 51 -6.87 8.74 -4.82
C GLN A 51 -7.31 7.47 -4.14
N SER A 52 -6.79 7.19 -2.95
CA SER A 52 -7.31 6.10 -2.17
C SER A 52 -7.03 6.44 -0.70
N PRO A 53 -7.90 5.99 0.21
CA PRO A 53 -7.85 6.50 1.58
C PRO A 53 -6.49 6.25 2.26
N PHE A 54 -5.75 5.24 1.85
CA PHE A 54 -4.45 4.95 2.46
C PHE A 54 -3.57 6.17 2.39
N TYR A 55 -3.48 6.72 1.19
CA TYR A 55 -2.60 7.87 0.94
C TYR A 55 -3.07 9.13 1.65
N VAL A 56 -4.37 9.31 1.73
CA VAL A 56 -4.89 10.42 2.51
C VAL A 56 -4.51 10.27 4.00
N ALA A 57 -4.58 9.06 4.55
CA ALA A 57 -4.27 8.86 5.96
C ALA A 57 -2.76 8.96 6.23
N LEU A 58 -1.99 8.50 5.25
CA LEU A 58 -0.56 8.55 5.37
C LEU A 58 -0.11 10.02 5.39
N THR A 59 -0.74 10.83 4.57
CA THR A 59 -0.41 12.24 4.52
C THR A 59 -0.76 12.91 5.86
N ASP A 60 -1.95 12.63 6.35
CA ASP A 60 -2.40 13.22 7.60
C ASP A 60 -1.52 12.83 8.79
N ALA A 61 -1.11 11.57 8.82
CA ALA A 61 -0.25 11.10 9.89
C ALA A 61 1.09 11.79 9.78
N ALA A 62 1.53 12.06 8.55
CA ALA A 62 2.83 12.67 8.37
C ALA A 62 2.79 14.15 8.79
N LYS A 63 1.70 14.82 8.47
CA LYS A 63 1.56 16.21 8.88
C LYS A 63 1.60 16.27 10.42
N ALA A 64 0.88 15.36 11.09
CA ALA A 64 0.74 15.47 12.54
C ALA A 64 2.06 15.14 13.21
N GLU A 65 2.84 14.23 12.66
CA GLU A 65 4.10 13.89 13.30
C GLU A 65 5.11 15.02 13.13
N ALA A 66 5.11 15.66 11.97
CA ALA A 66 6.01 16.79 11.79
C ALA A 66 5.68 17.88 12.81
N GLN A 67 4.40 18.17 12.98
CA GLN A 67 4.03 19.21 13.93
C GLN A 67 4.38 18.79 15.36
N ALA A 68 4.27 17.50 15.66
CA ALA A 68 4.42 17.04 17.03
C ALA A 68 5.86 17.25 17.47
N GLN A 69 6.80 16.99 16.56
CA GLN A 69 8.20 17.16 16.92
C GLN A 69 8.65 18.61 16.61
N GLY A 70 7.72 19.43 16.14
CA GLY A 70 7.95 20.86 16.03
C GLY A 70 8.59 21.27 14.72
N ASP A 71 8.33 20.49 13.68
CA ASP A 71 8.97 20.73 12.39
C ASP A 71 7.94 21.11 11.35
N GLU A 72 8.42 21.61 10.22
CA GLU A 72 7.60 22.11 9.15
C GLU A 72 7.56 21.10 8.05
N LEU A 73 6.35 20.76 7.64
CA LEU A 73 6.15 19.82 6.55
C LEU A 73 5.70 20.55 5.31
N PHE A 74 6.58 20.56 4.32
CA PHE A 74 6.25 21.07 2.99
C PHE A 74 5.82 19.92 2.11
N TYR A 75 4.58 20.01 1.67
CA TYR A 75 3.84 18.90 1.14
C TYR A 75 3.31 19.17 -0.26
N ALA A 76 3.39 18.16 -1.12
CA ALA A 76 2.78 18.21 -2.45
C ALA A 76 2.24 16.84 -2.80
N ASP A 77 1.09 16.80 -3.49
CA ASP A 77 0.49 15.58 -3.98
C ASP A 77 0.62 15.51 -5.50
N ALA A 78 1.24 14.44 -6.01
CA ALA A 78 1.50 14.28 -7.45
C ALA A 78 0.30 13.75 -8.20
N ASN A 79 -0.77 13.39 -7.50
CA ASN A 79 -1.98 12.97 -8.20
C ASN A 79 -1.75 11.85 -9.21
N GLY A 80 -0.80 10.96 -8.94
CA GLY A 80 -0.53 9.83 -9.83
C GLY A 80 0.23 10.19 -11.08
N ASP A 81 0.87 11.35 -11.11
CA ASP A 81 1.48 11.88 -12.32
C ASP A 81 2.99 12.11 -12.12
N ILE A 82 3.81 11.44 -12.92
CA ILE A 82 5.28 11.45 -12.78
C ILE A 82 5.85 12.82 -12.98
N THR A 83 5.34 13.50 -13.98
CA THR A 83 5.91 14.77 -14.32
C THR A 83 5.50 15.75 -13.21
N LYS A 84 4.28 15.65 -12.68
CA LYS A 84 3.87 16.52 -11.58
C LYS A 84 4.70 16.28 -10.35
N GLN A 85 5.15 15.06 -10.16
CA GLN A 85 5.91 14.73 -8.98
C GLN A 85 7.27 15.36 -9.06
N ASN A 86 7.94 15.23 -10.20
CA ASN A 86 9.27 15.81 -10.37
C ASN A 86 9.23 17.32 -10.38
N ASN A 87 8.18 17.90 -10.93
CA ASN A 87 8.01 19.34 -10.81
C ASN A 87 7.82 19.77 -9.35
N ASP A 88 6.92 19.10 -8.62
CA ASP A 88 6.66 19.40 -7.21
C ASP A 88 7.95 19.31 -6.37
N VAL A 89 8.83 18.37 -6.68
CA VAL A 89 10.05 18.14 -5.90
C VAL A 89 10.99 19.32 -6.06
N GLN A 90 11.09 19.83 -7.28
CA GLN A 90 11.87 21.03 -7.52
C GLN A 90 11.30 22.21 -6.76
N ASP A 91 9.98 22.28 -6.69
CA ASP A 91 9.33 23.37 -5.98
C ASP A 91 9.68 23.28 -4.50
N LEU A 92 9.72 22.06 -3.95
CA LEU A 92 9.97 21.86 -2.53
C LEU A 92 11.41 22.18 -2.25
N ILE A 93 12.27 21.75 -3.16
CA ILE A 93 13.68 22.01 -2.99
C ILE A 93 13.92 23.52 -2.95
N THR A 94 13.20 24.27 -3.77
CA THR A 94 13.34 25.72 -3.77
C THR A 94 12.90 26.35 -2.44
N ARG A 95 11.93 25.75 -1.79
CA ARG A 95 11.47 26.25 -0.51
C ARG A 95 12.44 25.88 0.63
N GLY A 96 13.52 25.18 0.29
CA GLY A 96 14.59 24.93 1.25
C GLY A 96 14.38 23.75 2.19
N ILE A 97 13.80 22.66 1.71
CA ILE A 97 13.68 21.47 2.54
C ILE A 97 15.05 20.92 2.90
N ASN A 98 15.18 20.38 4.11
CA ASN A 98 16.42 19.83 4.65
C ASN A 98 16.55 18.33 4.36
N VAL A 99 15.43 17.76 3.95
CA VAL A 99 15.33 16.35 3.63
C VAL A 99 14.04 16.15 2.81
N LEU A 100 14.07 15.18 1.92
CA LEU A 100 12.92 14.85 1.11
C LEU A 100 12.40 13.48 1.42
N VAL A 101 11.13 13.42 1.81
CA VAL A 101 10.36 12.17 1.90
C VAL A 101 9.55 12.00 0.65
N ILE A 102 9.62 10.84 0.02
CA ILE A 102 8.86 10.67 -1.23
C ILE A 102 8.20 9.32 -1.33
N ASN A 103 6.98 9.35 -1.85
CA ASN A 103 6.32 8.12 -2.28
C ASN A 103 6.39 8.09 -3.81
N PRO A 104 7.36 7.38 -4.40
CA PRO A 104 7.50 7.44 -5.86
C PRO A 104 6.26 6.99 -6.60
N VAL A 105 5.79 7.86 -7.48
CA VAL A 105 4.76 7.50 -8.44
C VAL A 105 5.23 6.39 -9.35
N ASP A 106 6.51 6.41 -9.67
CA ASP A 106 7.12 5.37 -10.51
C ASP A 106 8.57 5.24 -10.15
N PRO A 107 9.06 4.02 -9.98
CA PRO A 107 10.43 3.88 -9.47
C PRO A 107 11.55 4.42 -10.40
N LYS A 108 11.38 4.37 -11.72
CA LYS A 108 12.38 4.96 -12.63
C LYS A 108 12.04 6.39 -13.03
N GLY A 109 10.75 6.69 -13.11
CA GLY A 109 10.29 8.03 -13.43
C GLY A 109 10.72 9.12 -12.47
N VAL A 110 11.01 8.74 -11.23
CA VAL A 110 11.48 9.70 -10.22
C VAL A 110 12.97 9.95 -10.24
N THR A 111 13.71 9.32 -11.14
CA THR A 111 15.15 9.47 -11.06
C THR A 111 15.59 10.96 -11.09
N PRO A 112 14.84 11.84 -11.80
CA PRO A 112 15.19 13.29 -11.74
C PRO A 112 15.11 13.94 -10.36
N SER A 113 14.24 13.44 -9.50
CA SER A 113 14.03 14.03 -8.18
C SER A 113 15.15 13.60 -7.26
N LEU A 114 15.62 12.37 -7.44
CA LEU A 114 16.76 11.86 -6.70
C LEU A 114 17.99 12.69 -7.08
N ALA A 115 18.15 12.96 -8.37
CA ALA A 115 19.26 13.78 -8.83
C ALA A 115 19.15 15.19 -8.27
N ALA A 116 17.96 15.77 -8.37
CA ALA A 116 17.71 17.09 -7.83
C ALA A 116 18.01 17.13 -6.32
N ALA A 117 17.61 16.09 -5.60
CA ALA A 117 17.88 16.08 -4.16
C ALA A 117 19.37 16.13 -3.86
N GLU A 118 20.14 15.27 -4.54
CA GLU A 118 21.57 15.18 -4.27
C GLU A 118 22.26 16.51 -4.57
N ALA A 119 21.89 17.13 -5.70
CA ALA A 119 22.46 18.41 -6.11
C ALA A 119 22.13 19.51 -5.11
N ALA A 120 21.10 19.26 -4.31
CA ALA A 120 20.67 20.22 -3.29
C ALA A 120 21.34 19.96 -1.93
N GLY A 121 22.10 18.88 -1.83
CA GLY A 121 22.75 18.51 -0.59
C GLY A 121 21.79 17.93 0.43
N ILE A 122 20.73 17.29 -0.02
CA ILE A 122 19.82 16.64 0.90
C ILE A 122 19.59 15.19 0.55
N LYS A 123 19.12 14.45 1.53
CA LYS A 123 18.91 13.03 1.40
C LYS A 123 17.46 12.74 1.10
N VAL A 124 17.21 11.50 0.73
CA VAL A 124 15.88 11.08 0.38
C VAL A 124 15.45 9.87 1.22
N VAL A 125 14.24 9.94 1.77
CA VAL A 125 13.58 8.80 2.44
C VAL A 125 12.35 8.41 1.62
N THR A 126 12.26 7.13 1.25
CA THR A 126 11.08 6.64 0.57
C THR A 126 10.13 6.13 1.62
N VAL A 127 8.84 6.26 1.32
CA VAL A 127 7.81 5.76 2.19
C VAL A 127 6.79 5.01 1.33
N ASP A 128 6.46 3.79 1.77
CA ASP A 128 5.45 2.91 1.15
C ASP A 128 5.93 2.25 -0.14
N ARG A 129 6.41 3.03 -1.10
CA ARG A 129 6.92 2.48 -2.33
C ARG A 129 8.42 2.72 -2.43
N PRO A 130 9.20 1.68 -2.66
CA PRO A 130 10.66 1.88 -2.73
C PRO A 130 11.12 2.45 -4.06
N VAL A 131 12.37 2.88 -4.12
CA VAL A 131 13.07 3.08 -5.39
C VAL A 131 14.17 2.03 -5.50
N GLU A 132 14.68 1.79 -6.70
CA GLU A 132 15.77 0.82 -6.93
C GLU A 132 16.98 1.13 -6.07
N SER A 133 17.42 2.39 -6.09
CA SER A 133 18.57 2.84 -5.31
C SER A 133 18.52 4.35 -5.17
N GLY A 134 19.32 4.90 -4.26
CA GLY A 134 19.45 6.34 -4.11
C GLY A 134 18.78 6.95 -2.88
N ALA A 135 18.02 6.13 -2.17
CA ALA A 135 17.40 6.56 -0.94
C ALA A 135 18.27 6.15 0.21
N ALA A 136 18.35 7.04 1.19
CA ALA A 136 19.00 6.81 2.44
C ALA A 136 18.30 5.76 3.28
N SER A 137 16.99 5.72 3.15
CA SER A 137 16.20 4.78 3.93
C SER A 137 14.87 4.58 3.23
N PHE A 138 14.29 3.40 3.43
CA PHE A 138 12.96 3.05 2.97
C PHE A 138 12.13 2.75 4.21
N VAL A 139 11.08 3.53 4.40
CA VAL A 139 10.13 3.29 5.47
C VAL A 139 8.91 2.63 4.86
N GLY A 140 8.81 1.32 5.07
CA GLY A 140 7.73 0.52 4.49
C GLY A 140 7.40 -0.77 5.24
N ARG A 141 6.89 -1.75 4.50
CA ARG A 141 6.52 -3.06 5.05
C ARG A 141 7.02 -4.15 4.13
N ASP A 142 7.09 -5.36 4.63
CA ASP A 142 7.53 -6.47 3.83
C ASP A 142 6.31 -6.94 3.03
N ASN A 143 6.22 -6.46 1.80
CA ASN A 143 5.02 -6.67 1.01
C ASN A 143 4.88 -8.13 0.55
N LYS A 144 6.00 -8.81 0.35
CA LYS A 144 5.94 -10.21 0.01
C LYS A 144 5.24 -11.02 1.13
N ALA A 145 5.72 -10.81 2.35
CA ALA A 145 5.23 -11.49 3.52
C ALA A 145 3.76 -11.16 3.77
N GLY A 147 1.64 -10.63 1.29
CA GLY A 147 0.96 -11.32 0.23
C GLY A 147 0.90 -12.81 0.59
N GLU A 148 1.97 -13.30 1.20
CA GLU A 148 2.01 -14.67 1.70
C GLU A 148 0.98 -14.91 2.82
N LEU A 149 0.98 -14.06 3.81
CA LEU A 149 -0.05 -14.08 4.83
C LEU A 149 -1.44 -14.22 4.28
N VAL A 150 -1.76 -13.41 3.29
CA VAL A 150 -3.11 -13.45 2.78
C VAL A 150 -3.33 -14.73 2.00
N GLY A 151 -2.32 -15.15 1.27
CA GLY A 151 -2.45 -16.35 0.46
C GLY A 151 -2.66 -17.60 1.30
N LYS A 152 -1.99 -17.66 2.44
CA LYS A 152 -2.23 -18.78 3.38
C LYS A 152 -3.68 -18.77 3.90
N ALA A 153 -4.21 -17.60 4.25
CA ALA A 153 -5.65 -17.52 4.58
C ALA A 153 -6.53 -18.03 3.41
N ALA A 154 -6.16 -17.72 2.17
CA ALA A 154 -6.95 -18.21 1.03
C ALA A 154 -6.89 -19.75 0.93
N VAL A 155 -5.69 -20.32 1.09
CA VAL A 155 -5.52 -21.76 1.02
C VAL A 155 -6.41 -22.44 2.04
N ASP A 156 -6.31 -21.96 3.28
CA ASP A 156 -7.05 -22.55 4.39
C ASP A 156 -8.56 -22.45 4.15
N THR A 157 -9.03 -21.26 3.79
CA THR A 157 -10.44 -21.06 3.56
C THR A 157 -10.95 -21.85 2.37
N LEU A 158 -10.26 -21.78 1.24
CA LEU A 158 -10.76 -22.48 0.06
C LEU A 158 -10.81 -23.98 0.27
N GLY A 159 -10.07 -24.49 1.25
CA GLY A 159 -10.11 -25.89 1.57
C GLY A 159 -9.76 -26.81 0.41
N PRO A 160 -10.11 -28.09 0.53
CA PRO A 160 -9.76 -29.14 -0.45
C PRO A 160 -10.30 -28.95 -1.87
N ASP A 161 -11.45 -28.31 -2.03
CA ASP A 161 -11.96 -27.95 -3.37
C ASP A 161 -11.07 -26.98 -4.11
N GLY A 162 -10.26 -26.25 -3.34
CA GLY A 162 -9.40 -25.23 -3.90
C GLY A 162 -10.27 -24.27 -4.70
N GLY A 163 -9.82 -23.97 -5.92
CA GLY A 163 -10.59 -23.17 -6.87
C GLY A 163 -9.76 -22.08 -7.56
N LYS A 164 -10.35 -21.46 -8.57
CA LYS A 164 -9.75 -20.37 -9.33
C LYS A 164 -9.81 -19.05 -8.52
N ILE A 165 -8.69 -18.34 -8.42
CA ILE A 165 -8.69 -17.02 -7.75
C ILE A 165 -8.36 -15.93 -8.76
N ILE A 166 -9.20 -14.90 -8.85
CA ILE A 166 -8.94 -13.72 -9.69
C ILE A 166 -8.12 -12.72 -8.91
N GLU A 167 -7.07 -12.19 -9.51
CA GLU A 167 -6.22 -11.26 -8.81
C GLU A 167 -6.21 -9.87 -9.44
N ILE A 168 -6.52 -8.87 -8.63
CA ILE A 168 -6.51 -7.50 -9.09
C ILE A 168 -5.41 -6.74 -8.40
N GLN A 169 -4.60 -6.08 -9.21
CA GLN A 169 -3.28 -5.63 -8.80
C GLN A 169 -3.19 -4.11 -8.67
N GLY A 170 -2.10 -3.65 -8.05
CA GLY A 170 -1.87 -2.24 -7.81
C GLY A 170 -1.13 -1.50 -8.90
N ASP A 171 0.13 -1.12 -8.63
CA ASP A 171 0.90 -0.25 -9.52
C ASP A 171 1.79 -1.04 -10.49
N ALA A 172 1.58 -0.86 -11.78
CA ALA A 172 2.39 -1.55 -12.78
C ALA A 172 3.83 -1.11 -12.66
N GLY A 173 4.76 -2.05 -12.76
CA GLY A 173 6.17 -1.70 -12.73
C GLY A 173 6.75 -1.32 -11.37
N GLY A 174 5.92 -1.35 -10.34
CA GLY A 174 6.37 -1.07 -9.00
C GLY A 174 6.55 -2.35 -8.19
N ALA A 175 7.47 -2.31 -7.24
CA ALA A 175 7.77 -3.50 -6.44
C ALA A 175 6.70 -3.87 -5.40
N VAL A 176 5.93 -2.91 -4.92
CA VAL A 176 4.87 -3.20 -3.94
C VAL A 176 3.88 -4.18 -4.55
N ALA A 177 3.45 -3.96 -5.79
CA ALA A 177 2.53 -4.88 -6.44
C ALA A 177 3.20 -6.21 -6.81
N ARG A 178 4.42 -6.15 -7.28
CA ARG A 178 5.14 -7.35 -7.63
C ARG A 178 5.27 -8.28 -6.42
N ASP A 179 5.58 -7.73 -5.25
CA ASP A 179 5.79 -8.53 -4.05
C ASP A 179 4.49 -9.05 -3.45
N ARG A 180 3.41 -8.28 -3.53
CA ARG A 180 2.13 -8.76 -3.02
C ARG A 180 1.61 -9.89 -3.90
N ARG A 181 1.98 -9.87 -5.17
CA ARG A 181 1.63 -10.91 -6.11
C ARG A 181 2.44 -12.17 -5.86
N ASP A 182 3.75 -11.99 -5.77
CA ASP A 182 4.67 -13.12 -5.58
C ASP A 182 4.48 -13.77 -4.21
N GLY A 183 4.29 -12.98 -3.16
CA GLY A 183 3.96 -13.55 -1.86
C GLY A 183 2.70 -14.40 -1.88
N PHE A 184 1.64 -13.91 -2.50
CA PHE A 184 0.40 -14.65 -2.54
C PHE A 184 0.62 -15.92 -3.32
N GLN A 185 1.38 -15.78 -4.39
CA GLN A 185 1.62 -16.91 -5.27
C GLN A 185 2.42 -17.95 -4.52
N ALA A 186 3.39 -17.50 -3.74
CA ALA A 186 4.27 -18.43 -3.04
C ALA A 186 3.47 -19.34 -2.15
N ALA A 187 2.34 -18.84 -1.67
CA ALA A 187 1.56 -19.54 -0.68
C ALA A 187 0.67 -20.61 -1.33
N VAL A 188 0.31 -20.39 -2.58
CA VAL A 188 -0.53 -21.33 -3.26
C VAL A 188 0.25 -22.20 -4.24
N SER A 189 1.55 -22.00 -4.36
CA SER A 189 2.29 -22.79 -5.36
C SER A 189 2.44 -24.23 -4.87
N GLY A 190 2.53 -25.17 -5.82
CA GLY A 190 2.59 -26.58 -5.47
C GLY A 190 1.23 -27.09 -5.03
N ARG A 191 0.20 -26.28 -5.24
CA ARG A 191 -1.17 -26.64 -4.93
C ARG A 191 -2.03 -26.54 -6.19
N PRO A 192 -2.08 -27.65 -6.95
CA PRO A 192 -2.73 -27.69 -8.25
C PRO A 192 -4.25 -27.54 -8.22
N ASN A 193 -4.88 -27.68 -7.05
CA ASN A 193 -6.32 -27.43 -6.95
C ASN A 193 -6.61 -25.95 -6.88
N ILE A 194 -5.56 -25.12 -6.93
CA ILE A 194 -5.75 -23.68 -6.94
C ILE A 194 -5.07 -23.15 -8.16
N THR A 195 -5.77 -22.25 -8.85
CA THR A 195 -5.17 -21.55 -9.98
C THR A 195 -5.41 -20.05 -9.82
N ILE A 196 -4.51 -19.27 -10.38
CA ILE A 196 -4.64 -17.82 -10.32
C ILE A 196 -4.75 -17.19 -11.68
N VAL A 197 -5.71 -16.27 -11.77
CA VAL A 197 -5.89 -15.46 -12.96
C VAL A 197 -5.36 -14.08 -12.65
N GLU A 198 -4.27 -13.71 -13.30
CA GLU A 198 -3.57 -12.47 -13.02
C GLU A 198 -4.30 -11.37 -13.79
N GLY A 199 -4.98 -10.55 -13.02
CA GLY A 199 -5.73 -9.45 -13.59
C GLY A 199 -4.87 -8.21 -13.71
N PRO A 200 -5.50 -7.09 -14.04
CA PRO A 200 -4.77 -5.89 -14.38
C PRO A 200 -4.39 -5.06 -13.20
N TYR A 201 -3.55 -4.08 -13.50
CA TYR A 201 -3.08 -3.09 -12.56
C TYR A 201 -4.08 -1.96 -12.53
N CYS A 202 -4.73 -1.82 -11.38
CA CYS A 202 -5.78 -0.83 -11.20
C CYS A 202 -5.43 0.24 -10.18
N ASP A 203 -4.13 0.32 -9.85
CA ASP A 203 -3.54 1.48 -9.16
C ASP A 203 -4.13 1.78 -7.80
N TYR A 204 -4.69 0.76 -7.14
CA TYR A 204 -5.14 0.84 -5.75
C TYR A 204 -6.43 1.64 -5.66
N ILE A 205 -7.09 1.79 -6.81
CA ILE A 205 -8.25 2.64 -6.92
C ILE A 205 -9.52 1.82 -7.14
N ARG A 206 -10.46 1.98 -6.22
CA ARG A 206 -11.67 1.20 -6.23
C ARG A 206 -12.41 1.24 -7.54
N SER A 207 -12.62 2.44 -8.05
CA SER A 207 -13.42 2.62 -9.24
C SER A 207 -12.88 1.83 -10.39
N LYS A 208 -11.55 1.73 -10.44
CA LYS A 208 -10.88 1.04 -11.55
C LYS A 208 -10.97 -0.45 -11.36
N ALA A 209 -11.03 -0.89 -10.13
CA ALA A 209 -11.17 -2.32 -9.86
C ALA A 209 -12.60 -2.79 -10.15
N VAL A 210 -13.55 -1.90 -9.98
CA VAL A 210 -14.91 -2.22 -10.34
C VAL A 210 -14.96 -2.55 -11.82
N THR A 211 -14.37 -1.70 -12.62
CA THR A 211 -14.33 -1.90 -14.04
C THR A 211 -13.72 -3.26 -14.38
N ALA A 212 -12.59 -3.59 -13.75
CA ALA A 212 -11.91 -4.83 -14.07
C ALA A 212 -12.67 -6.05 -13.61
N GLN A 214 -15.87 -6.58 -13.46
CA GLN A 214 -16.88 -6.93 -14.44
C GLN A 214 -16.31 -7.80 -15.56
N ASP A 215 -15.27 -7.33 -16.22
CA ASP A 215 -14.72 -8.08 -17.35
C ASP A 215 -14.31 -9.46 -16.92
N LEU A 216 -13.69 -9.53 -15.75
CA LEU A 216 -13.14 -10.78 -15.27
C LEU A 216 -14.21 -11.73 -14.76
N LEU A 217 -15.25 -11.21 -14.10
CA LEU A 217 -16.34 -12.07 -13.63
C LEU A 217 -16.99 -12.79 -14.80
N GLN A 218 -17.22 -12.07 -15.88
CA GLN A 218 -17.94 -12.64 -17.00
C GLN A 218 -17.06 -13.70 -17.68
N ALA A 219 -15.75 -13.49 -17.64
CA ALA A 219 -14.82 -14.37 -18.34
C ALA A 219 -14.49 -15.60 -17.51
N HIS A 220 -14.72 -15.53 -16.21
CA HIS A 220 -14.37 -16.63 -15.31
C HIS A 220 -15.48 -16.85 -14.31
N PRO A 221 -16.65 -17.30 -14.77
CA PRO A 221 -17.75 -17.48 -13.82
C PRO A 221 -17.53 -18.62 -12.83
N ASP A 222 -16.49 -19.41 -13.03
CA ASP A 222 -16.18 -20.56 -12.17
C ASP A 222 -15.24 -20.19 -11.02
N LEU A 223 -14.93 -18.91 -10.99
CA LEU A 223 -14.39 -18.23 -9.83
C LEU A 223 -14.85 -18.73 -8.48
N LYS A 224 -13.90 -18.96 -7.57
CA LYS A 224 -14.23 -19.17 -6.14
C LYS A 224 -13.63 -18.10 -5.21
N GLY A 225 -12.80 -17.21 -5.74
CA GLY A 225 -12.07 -16.26 -4.91
C GLY A 225 -11.50 -15.07 -5.66
N VAL A 226 -11.43 -13.94 -4.98
CA VAL A 226 -10.82 -12.72 -5.50
C VAL A 226 -9.79 -12.18 -4.53
N TYR A 227 -8.55 -12.01 -4.99
CA TYR A 227 -7.52 -11.35 -4.23
C TYR A 227 -7.20 -10.02 -4.87
N ALA A 228 -7.46 -8.92 -4.15
CA ALA A 228 -7.01 -7.59 -4.57
C ALA A 228 -5.88 -7.08 -3.69
N GLN A 229 -4.99 -6.31 -4.28
CA GLN A 229 -3.76 -5.95 -3.60
C GLN A 229 -3.97 -4.78 -2.67
N ASN A 230 -5.18 -4.26 -2.61
CA ASN A 230 -5.55 -3.51 -1.43
C ASN A 230 -7.05 -3.65 -1.16
N ASP A 231 -7.48 -3.25 0.04
CA ASP A 231 -8.87 -3.43 0.48
C ASP A 231 -9.82 -2.55 -0.30
N ASP A 232 -9.38 -1.35 -0.63
CA ASP A 232 -10.16 -0.41 -1.42
C ASP A 232 -10.58 -1.10 -2.72
N ALA A 234 -10.47 -4.41 -3.25
CA ALA A 234 -11.19 -5.63 -2.89
C ALA A 234 -12.69 -5.34 -2.68
N LEU A 235 -13.00 -4.21 -2.07
CA LEU A 235 -14.38 -3.89 -1.74
C LEU A 235 -15.14 -3.49 -3.01
N GLY A 236 -14.41 -2.97 -3.99
CA GLY A 236 -15.00 -2.67 -5.28
C GLY A 236 -15.36 -3.96 -6.00
N ALA A 237 -14.43 -4.92 -5.95
CA ALA A 237 -14.71 -6.23 -6.50
C ALA A 237 -15.92 -6.79 -5.82
N GLN A 239 -18.57 -5.41 -4.28
CA GLN A 239 -19.83 -4.84 -4.82
C GLN A 239 -20.24 -5.50 -6.14
N VAL A 240 -19.28 -5.73 -7.03
CA VAL A 240 -19.62 -6.25 -8.35
C VAL A 240 -20.12 -7.68 -8.21
N LEU A 241 -19.50 -8.42 -7.29
CA LEU A 241 -19.89 -9.78 -7.00
C LEU A 241 -21.32 -9.78 -6.45
N ALA A 242 -21.58 -8.92 -5.49
CA ALA A 242 -22.92 -8.85 -4.90
C ALA A 242 -24.00 -8.47 -5.92
N GLU A 243 -23.68 -7.55 -6.82
CA GLU A 243 -24.65 -7.13 -7.84
C GLU A 243 -25.04 -8.30 -8.74
N ASN A 244 -24.14 -9.28 -8.85
CA ASN A 244 -24.35 -10.50 -9.65
C ASN A 244 -24.63 -11.77 -8.82
N ASN A 245 -24.94 -11.59 -7.55
CA ASN A 245 -25.36 -12.66 -6.65
C ASN A 245 -24.29 -13.73 -6.53
N ARG A 246 -23.06 -13.29 -6.32
CA ARG A 246 -21.96 -14.20 -6.15
C ARG A 246 -21.24 -13.93 -4.81
N THR A 247 -22.03 -13.76 -3.76
CA THR A 247 -21.51 -13.65 -2.42
C THR A 247 -20.72 -14.88 -1.98
N ASP A 248 -20.90 -15.96 -2.74
CA ASP A 248 -20.18 -17.22 -2.51
C ASP A 248 -18.67 -17.09 -2.80
N VAL A 249 -18.28 -16.06 -3.53
CA VAL A 249 -16.88 -15.86 -3.87
C VAL A 249 -16.17 -15.11 -2.77
N LYS A 250 -15.12 -15.73 -2.23
CA LYS A 250 -14.36 -15.22 -1.11
C LYS A 250 -13.43 -14.12 -1.52
N VAL A 251 -13.22 -13.17 -0.63
CA VAL A 251 -12.53 -11.96 -1.00
C VAL A 251 -11.37 -11.74 -0.07
N PHE A 252 -10.23 -11.39 -0.67
CA PHE A 252 -8.98 -11.21 0.05
C PHE A 252 -8.35 -9.87 -0.33
N GLY A 253 -7.89 -9.14 0.67
CA GLY A 253 -7.29 -7.84 0.46
C GLY A 253 -6.02 -7.60 1.27
N VAL A 254 -5.58 -6.35 1.22
CA VAL A 254 -4.42 -5.87 2.01
C VAL A 254 -4.81 -4.51 2.53
N ASP A 255 -4.54 -4.26 3.81
CA ASP A 255 -4.42 -2.90 4.39
C ASP A 255 -5.00 -2.81 5.80
N GLY A 256 -6.17 -3.42 6.02
CA GLY A 256 -6.88 -3.27 7.28
C GLY A 256 -7.74 -2.03 7.25
N LEU A 257 -8.24 -1.71 6.08
CA LEU A 257 -9.26 -0.70 5.96
C LEU A 257 -10.39 -1.07 6.87
N GLU A 259 -13.56 -0.57 6.93
CA GLU A 259 -14.68 -1.15 6.20
C GLU A 259 -14.44 -2.62 5.83
N ALA A 260 -13.20 -2.97 5.52
CA ALA A 260 -12.89 -4.36 5.21
C ALA A 260 -12.90 -5.15 6.49
N VAL A 261 -12.39 -4.58 7.56
CA VAL A 261 -12.28 -5.32 8.81
C VAL A 261 -13.67 -5.60 9.32
N ARG A 262 -14.60 -4.69 9.06
CA ARG A 262 -15.94 -4.85 9.60
C ARG A 262 -16.64 -5.97 8.84
N ALA A 263 -16.43 -6.00 7.53
CA ALA A 263 -16.96 -7.08 6.70
C ALA A 263 -16.37 -8.43 7.06
N ILE A 264 -15.08 -8.46 7.42
CA ILE A 264 -14.49 -9.73 7.84
C ILE A 264 -15.16 -10.16 9.12
N ALA A 265 -15.39 -9.22 10.01
CA ALA A 265 -15.96 -9.59 11.31
C ALA A 265 -17.40 -10.02 11.17
N ASP A 266 -18.17 -9.33 10.32
CA ASP A 266 -19.62 -9.47 10.34
C ASP A 266 -20.20 -10.26 9.18
N GLY A 267 -19.35 -10.87 8.35
CA GLY A 267 -19.85 -11.64 7.22
C GLY A 267 -18.98 -12.84 6.91
N ASP A 268 -19.28 -13.51 5.81
CA ASP A 268 -18.58 -14.73 5.43
C ASP A 268 -17.85 -14.62 4.12
N GLN A 269 -18.01 -13.51 3.43
CA GLN A 269 -17.45 -13.37 2.08
C GLN A 269 -16.04 -12.80 2.11
N TYR A 270 -15.85 -11.71 2.82
CA TYR A 270 -14.53 -11.11 3.00
C TYR A 270 -13.80 -11.88 4.08
N VAL A 271 -12.70 -12.51 3.70
CA VAL A 271 -12.08 -13.51 4.56
C VAL A 271 -10.87 -13.01 5.36
N ALA A 272 -9.98 -12.31 4.69
CA ALA A 272 -8.77 -11.88 5.36
C ALA A 272 -8.13 -10.68 4.68
N THR A 273 -7.41 -9.91 5.48
CA THR A 273 -6.51 -8.90 4.95
C THR A 273 -5.22 -8.89 5.79
N ALA A 274 -4.28 -8.03 5.45
CA ALA A 274 -3.08 -7.92 6.25
C ALA A 274 -2.94 -6.46 6.64
N LEU A 275 -2.42 -6.20 7.84
CA LEU A 275 -2.34 -4.83 8.34
C LEU A 275 -1.28 -4.02 7.60
N ASN A 276 -1.62 -2.79 7.23
CA ASN A 276 -0.70 -1.89 6.53
C ASN A 276 -1.04 -0.48 6.98
N ASP A 277 -0.86 -0.27 8.27
CA ASP A 277 -1.31 0.96 8.93
C ASP A 277 -0.57 2.18 8.40
N PRO A 278 -1.27 3.08 7.70
CA PRO A 278 -0.59 4.24 7.13
C PRO A 278 -0.20 5.23 8.23
N ASP A 279 -0.93 5.12 9.32
CA ASP A 279 -0.76 6.03 10.43
C ASP A 279 0.63 5.78 11.04
N ALA A 280 0.94 4.53 11.32
CA ALA A 280 2.23 4.21 11.92
C ALA A 280 3.35 4.45 10.93
N GLU A 281 3.09 4.17 9.66
CA GLU A 281 4.07 4.35 8.60
C GLU A 281 4.42 5.85 8.47
N GLY A 282 3.40 6.70 8.40
CA GLY A 282 3.61 8.13 8.36
C GLY A 282 4.49 8.70 9.49
N ARG A 283 4.27 8.24 10.72
CA ARG A 283 5.03 8.72 11.85
C ARG A 283 6.44 8.23 11.71
N LEU A 284 6.63 6.97 11.33
CA LEU A 284 8.00 6.48 11.20
C LEU A 284 8.74 7.17 10.04
N ALA A 285 8.04 7.57 8.99
CA ALA A 285 8.70 8.22 7.85
C ALA A 285 9.25 9.57 8.30
N ILE A 286 8.46 10.30 9.07
CA ILE A 286 8.84 11.65 9.48
C ILE A 286 9.91 11.62 10.57
N GLN A 287 9.81 10.69 11.50
CA GLN A 287 10.85 10.47 12.50
C GLN A 287 12.17 10.09 11.85
N THR A 288 12.10 9.25 10.83
CA THR A 288 13.29 8.79 10.13
C THR A 288 13.92 9.94 9.33
N ALA A 289 13.10 10.71 8.66
CA ALA A 289 13.61 11.87 7.94
C ALA A 289 14.23 12.94 8.83
N ALA A 290 13.75 13.07 10.06
CA ALA A 290 14.34 14.06 10.96
C ALA A 290 15.76 13.64 11.32
N LYS A 291 15.99 12.34 11.49
CA LYS A 291 17.32 11.85 11.81
C LYS A 291 18.22 12.07 10.61
N VAL A 292 17.72 11.72 9.45
CA VAL A 292 18.52 11.84 8.25
C VAL A 292 18.96 13.28 8.00
N ALA A 293 18.02 14.20 8.06
CA ALA A 293 18.31 15.61 7.84
C ALA A 293 19.41 16.12 8.75
N ARG A 294 19.56 15.49 9.91
CA ARG A 294 20.54 15.94 10.88
C ARG A 294 21.84 15.15 10.72
N GLY A 295 21.94 14.31 9.69
CA GLY A 295 23.15 13.53 9.49
C GLY A 295 23.27 12.24 10.30
N GLU A 296 22.24 11.87 11.04
CA GLU A 296 22.20 10.57 11.74
C GLU A 296 22.12 9.36 10.80
N SER A 297 22.72 8.28 11.26
CA SER A 297 22.59 6.99 10.62
C SER A 297 21.25 6.33 10.97
N VAL A 298 20.55 5.91 9.92
CA VAL A 298 19.31 5.18 10.06
C VAL A 298 19.47 3.89 9.28
N PRO A 299 18.69 2.86 9.63
CA PRO A 299 18.74 1.65 8.84
C PRO A 299 18.24 1.87 7.43
N GLU A 300 18.60 0.96 6.55
CA GLU A 300 18.23 1.14 5.17
C GLU A 300 16.74 0.80 4.95
N PHE A 301 16.21 -0.10 5.76
CA PHE A 301 14.79 -0.49 5.74
C PHE A 301 14.19 -0.36 7.13
N VAL A 302 13.24 0.57 7.30
CA VAL A 302 12.45 0.68 8.52
C VAL A 302 11.12 0.01 8.28
N ASP A 303 10.84 -1.06 9.02
CA ASP A 303 9.65 -1.89 8.83
C ASP A 303 8.56 -1.51 9.81
N ALA A 304 7.43 -1.03 9.31
CA ALA A 304 6.38 -0.52 10.16
C ALA A 304 5.43 -1.62 10.63
N GLY A 305 5.73 -2.86 10.25
CA GLY A 305 5.07 -4.02 10.83
C GLY A 305 3.72 -4.35 10.23
N THR A 306 3.38 -5.62 10.30
CA THR A 306 2.17 -6.12 9.69
C THR A 306 1.61 -7.28 10.51
N GLY A 307 0.53 -7.89 9.98
CA GLY A 307 -0.09 -9.03 10.62
C GLY A 307 -1.40 -9.40 9.95
N LEU A 308 -1.76 -10.66 10.06
CA LEU A 308 -2.97 -11.19 9.42
C LEU A 308 -4.24 -10.73 10.11
N VAL A 309 -5.23 -10.29 9.34
CA VAL A 309 -6.59 -10.07 9.87
C VAL A 309 -7.53 -11.11 9.29
N ASP A 310 -8.16 -11.88 10.14
CA ASP A 310 -9.24 -12.76 9.71
C ASP A 310 -10.32 -12.76 10.78
N LYS A 311 -11.24 -13.72 10.68
CA LYS A 311 -12.34 -13.83 11.60
C LYS A 311 -11.92 -13.96 13.03
N SER A 312 -10.84 -14.70 13.22
CA SER A 312 -10.40 -15.05 14.56
C SER A 312 -9.96 -13.81 15.33
N ASN A 313 -9.64 -12.72 14.63
CA ASN A 313 -9.19 -11.54 15.35
C ASN A 313 -9.73 -10.19 14.85
N ALA A 314 -10.65 -10.20 13.89
CA ALA A 314 -11.13 -8.92 13.35
C ALA A 314 -11.95 -8.19 14.38
N SER A 315 -12.62 -8.94 15.24
CA SER A 315 -13.49 -8.30 16.20
C SER A 315 -12.72 -7.33 17.10
N ALA A 316 -11.48 -7.67 17.40
CA ALA A 316 -10.69 -6.87 18.30
C ALA A 316 -10.17 -5.58 17.63
N LEU A 317 -10.25 -5.54 16.30
CA LEU A 317 -9.71 -4.44 15.50
C LEU A 317 -10.74 -3.42 15.04
N VAL A 318 -12.01 -3.77 15.15
CA VAL A 318 -13.06 -2.83 14.83
C VAL A 318 -12.93 -1.58 15.70
N GLY A 319 -13.00 -0.43 15.04
CA GLY A 319 -12.87 0.87 15.68
C GLY A 319 -13.38 1.97 14.77
N GLN A 320 -13.06 3.21 15.13
CA GLN A 320 -13.70 4.38 14.50
C GLN A 320 -12.82 4.94 13.38
N SER A 321 -11.51 4.75 13.48
CA SER A 321 -10.60 5.24 12.46
C SER A 321 -10.69 4.48 11.15
N THR A 322 -10.12 5.11 10.13
CA THR A 322 -10.26 4.69 8.75
C THR A 322 -9.55 3.39 8.54
N PHE A 323 -8.46 3.18 9.30
CA PHE A 323 -7.66 1.97 9.24
C PHE A 323 -7.44 1.41 10.64
N ALA A 324 -7.50 0.09 10.73
CA ALA A 324 -7.22 -0.62 11.97
C ALA A 324 -5.72 -0.57 12.27
N ALA A 325 -5.34 -0.80 13.52
CA ALA A 325 -3.94 -0.82 13.86
C ALA A 325 -3.65 -1.84 14.95
N GLU A 326 -2.43 -2.36 14.98
CA GLU A 326 -1.93 -3.09 16.15
C GLU A 326 -1.92 -2.16 17.37
#